data_1I2C
#
_entry.id   1I2C
#
_cell.length_a   159.682
_cell.length_b   159.682
_cell.length_c   99.038
_cell.angle_alpha   90.00
_cell.angle_beta   90.00
_cell.angle_gamma   90.00
#
_symmetry.space_group_name_H-M   'I 41 2 2'
#
loop_
_entity.id
_entity.type
_entity.pdbx_description
1 polymer 'SULFOLIPID BIOSYNTHESIS PROTEIN SQD1'
2 non-polymer 'SULFATE ION'
3 non-polymer NICOTINAMIDE-ADENINE-DINUCLEOTIDE
4 non-polymer "URIDINE-5'-DIPHOSPHATE-GLUCOSE"
5 water water
#
_entity_poly.entity_id   1
_entity_poly.type   'polypeptide(L)'
_entity_poly.pdbx_seq_one_letter_code
;MRGSHHHHHHGSRVMVIGGDGYCGWATALHLSKKNYEVCIVDNLVRRLFDHQLGLESLTPIASIHDRISRWKALTGKSIE
LYVGDICDFEFLAESFKSFEPDSVVHFGEQRSAPYSMIDRSRAVYTQHNNVIGTLNVLFAIKEFGEECHLVKLGAMGEYG
TPNIDIEEGYITITHNGRTDTLPYPKQASSFYHLSKVHDSHNIAFTCKAWGIRATDLNQGVVYGVKTDETEMHEELRNRL
DYDAVFGTALNRFCVQAAVGHPLTVYGKGGQTRGYLDIRDTVQCVEIAIANPAKAGEFRVFNQFTEQFSVNELASLVTKA
GSKLGLDVKKMTVPNPRVEAEEHYYNAKHTKLMELGLEPHYLSDSLLDSLLNFAVQFKDRVDTKQIMPSVSWKKIGVKTK
SMTT
;
_entity_poly.pdbx_strand_id   A
#
loop_
_chem_comp.id
_chem_comp.type
_chem_comp.name
_chem_comp.formula
NAD non-polymer NICOTINAMIDE-ADENINE-DINUCLEOTIDE 'C21 H27 N7 O14 P2'
SO4 non-polymer 'SULFATE ION' 'O4 S -2'
UPG non-polymer URIDINE-5'-DIPHOSPHATE-GLUCOSE 'C15 H24 N2 O17 P2'
#
# COMPACT_ATOMS: atom_id res chain seq x y z
CA GLY A 11 13.80 5.39 21.44
C GLY A 11 12.29 5.18 21.40
N SER A 12 11.61 5.96 20.57
CA SER A 12 10.16 5.85 20.44
C SER A 12 9.84 4.44 19.93
N ARG A 13 8.81 3.83 20.49
CA ARG A 13 8.44 2.45 20.13
C ARG A 13 7.36 2.39 19.06
N VAL A 14 7.62 1.67 17.99
CA VAL A 14 6.67 1.56 16.89
C VAL A 14 6.30 0.11 16.55
N MET A 15 4.99 -0.16 16.53
CA MET A 15 4.49 -1.48 16.17
C MET A 15 4.09 -1.42 14.70
N VAL A 16 4.76 -2.20 13.87
CA VAL A 16 4.46 -2.23 12.45
C VAL A 16 3.63 -3.47 12.10
N ILE A 17 2.32 -3.28 12.02
CA ILE A 17 1.43 -4.38 11.67
C ILE A 17 1.54 -4.55 10.15
N GLY A 18 1.76 -5.78 9.71
CA GLY A 18 1.91 -6.05 8.29
C GLY A 18 3.35 -5.83 7.85
N GLY A 19 4.26 -5.84 8.82
CA GLY A 19 5.68 -5.63 8.57
C GLY A 19 6.44 -6.60 7.69
N ASP A 20 5.81 -7.68 7.24
CA ASP A 20 6.50 -8.61 6.36
C ASP A 20 6.14 -8.27 4.91
N GLY A 21 5.17 -7.38 4.75
CA GLY A 21 4.72 -6.98 3.43
C GLY A 21 5.62 -6.03 2.68
N TYR A 22 5.19 -5.67 1.47
CA TYR A 22 5.91 -4.76 0.57
C TYR A 22 6.22 -3.42 1.24
N CYS A 23 5.18 -2.68 1.63
CA CYS A 23 5.40 -1.39 2.27
C CYS A 23 5.90 -1.53 3.70
N GLY A 24 5.34 -2.49 4.43
CA GLY A 24 5.70 -2.72 5.82
C GLY A 24 7.13 -3.12 6.11
N TRP A 25 7.70 -4.00 5.30
CA TRP A 25 9.06 -4.45 5.51
C TRP A 25 10.03 -3.28 5.31
N ALA A 26 9.87 -2.57 4.21
CA ALA A 26 10.74 -1.42 3.93
C ALA A 26 10.61 -0.41 5.06
N THR A 27 9.38 -0.18 5.52
CA THR A 27 9.16 0.79 6.59
C THR A 27 9.77 0.35 7.91
N ALA A 28 9.61 -0.93 8.26
CA ALA A 28 10.14 -1.44 9.51
C ALA A 28 11.66 -1.26 9.57
N LEU A 29 12.35 -1.59 8.49
CA LEU A 29 13.80 -1.45 8.46
C LEU A 29 14.20 0.01 8.57
N HIS A 30 13.50 0.88 7.86
CA HIS A 30 13.81 2.30 7.89
C HIS A 30 13.63 2.89 9.29
N LEU A 31 12.53 2.56 9.95
CA LEU A 31 12.29 3.09 11.29
C LEU A 31 13.34 2.56 12.25
N SER A 32 13.72 1.29 12.12
CA SER A 32 14.74 0.72 12.98
C SER A 32 16.06 1.47 12.78
N LYS A 33 16.39 1.71 11.52
CA LYS A 33 17.62 2.43 11.19
C LYS A 33 17.57 3.83 11.80
N LYS A 34 16.40 4.45 11.76
CA LYS A 34 16.22 5.79 12.32
C LYS A 34 16.14 5.80 13.84
N ASN A 35 16.48 4.66 14.45
CA ASN A 35 16.53 4.50 15.89
C ASN A 35 15.25 4.38 16.70
N TYR A 36 14.17 3.96 16.06
CA TYR A 36 12.93 3.74 16.78
C TYR A 36 13.07 2.28 17.23
N GLU A 37 12.39 1.90 18.31
CA GLU A 37 12.40 0.52 18.76
C GLU A 37 11.24 -0.04 17.93
N VAL A 38 11.48 -1.11 17.19
CA VAL A 38 10.44 -1.64 16.31
C VAL A 38 10.07 -3.10 16.49
N CYS A 39 8.80 -3.41 16.24
CA CYS A 39 8.34 -4.79 16.28
C CYS A 39 7.47 -4.96 15.04
N ILE A 40 7.35 -6.21 14.59
CA ILE A 40 6.54 -6.53 13.44
C ILE A 40 5.46 -7.49 13.89
N VAL A 41 4.22 -7.19 13.53
CA VAL A 41 3.07 -8.03 13.86
C VAL A 41 2.53 -8.44 12.50
N ASP A 42 2.54 -9.74 12.21
CA ASP A 42 2.10 -10.20 10.89
C ASP A 42 1.75 -11.68 10.98
N ASN A 43 0.72 -12.11 10.26
CA ASN A 43 0.37 -13.53 10.28
C ASN A 43 0.92 -14.24 9.04
N LEU A 44 1.58 -13.46 8.19
CA LEU A 44 2.22 -13.95 6.97
C LEU A 44 1.24 -14.56 5.97
N VAL A 45 -0.03 -14.18 6.07
CA VAL A 45 -1.05 -14.72 5.16
C VAL A 45 -0.77 -14.31 3.71
N ARG A 46 -0.10 -13.17 3.53
CA ARG A 46 0.22 -12.72 2.18
C ARG A 46 1.06 -13.77 1.46
N ARG A 47 1.94 -14.45 2.19
CA ARG A 47 2.76 -15.48 1.58
C ARG A 47 1.91 -16.70 1.24
N LEU A 48 0.88 -16.96 2.05
CA LEU A 48 0.00 -18.09 1.76
C LEU A 48 -0.79 -17.82 0.49
N PHE A 49 -1.17 -16.57 0.27
CA PHE A 49 -1.91 -16.21 -0.95
C PHE A 49 -1.09 -16.54 -2.19
N ASP A 50 0.22 -16.29 -2.12
CA ASP A 50 1.10 -16.60 -3.25
C ASP A 50 1.03 -18.08 -3.55
N HIS A 51 1.14 -18.90 -2.50
CA HIS A 51 1.08 -20.35 -2.69
C HIS A 51 -0.28 -20.76 -3.24
N GLN A 52 -1.35 -20.26 -2.63
CA GLN A 52 -2.70 -20.63 -3.07
C GLN A 52 -3.07 -20.21 -4.50
N LEU A 53 -2.62 -19.03 -4.92
CA LEU A 53 -2.96 -18.57 -6.27
C LEU A 53 -1.91 -18.88 -7.33
N GLY A 54 -0.78 -19.45 -6.91
CA GLY A 54 0.29 -19.78 -7.84
C GLY A 54 1.08 -18.57 -8.27
N LEU A 55 1.26 -17.62 -7.34
CA LEU A 55 1.99 -16.40 -7.62
C LEU A 55 3.37 -16.43 -6.98
N GLU A 56 4.24 -15.54 -7.43
CA GLU A 56 5.60 -15.47 -6.89
C GLU A 56 6.20 -14.09 -7.16
N SER A 57 6.95 -13.60 -6.19
CA SER A 57 7.62 -12.30 -6.29
C SER A 57 8.71 -12.40 -7.36
N LEU A 58 8.97 -11.28 -8.05
CA LEU A 58 10.02 -11.25 -9.06
C LEU A 58 11.34 -11.57 -8.40
N THR A 59 11.52 -10.96 -7.24
CA THR A 59 12.74 -11.12 -6.46
C THR A 59 12.57 -12.21 -5.41
N PRO A 60 13.63 -13.01 -5.18
CA PRO A 60 13.50 -14.05 -4.17
C PRO A 60 13.64 -13.35 -2.83
N ILE A 61 12.75 -13.66 -1.88
CA ILE A 61 12.83 -13.02 -0.57
C ILE A 61 13.10 -14.06 0.50
N ALA A 62 13.70 -13.63 1.60
CA ALA A 62 14.00 -14.54 2.70
C ALA A 62 12.80 -14.63 3.63
N SER A 63 12.83 -15.59 4.54
CA SER A 63 11.74 -15.77 5.50
C SER A 63 11.78 -14.57 6.44
N ILE A 64 10.66 -14.27 7.09
CA ILE A 64 10.64 -13.13 7.99
C ILE A 64 11.67 -13.32 9.11
N HIS A 65 11.87 -14.57 9.55
CA HIS A 65 12.85 -14.83 10.61
C HIS A 65 14.27 -14.56 10.13
N ASP A 66 14.59 -15.00 8.92
CA ASP A 66 15.93 -14.80 8.37
C ASP A 66 16.15 -13.32 8.06
N ARG A 67 15.09 -12.64 7.66
CA ARG A 67 15.14 -11.19 7.37
C ARG A 67 15.55 -10.44 8.63
N ILE A 68 14.83 -10.72 9.72
CA ILE A 68 15.09 -10.07 10.99
C ILE A 68 16.46 -10.45 11.53
N SER A 69 16.86 -11.71 11.36
CA SER A 69 18.15 -12.17 11.84
C SER A 69 19.28 -11.47 11.10
N ARG A 70 19.11 -11.26 9.80
CA ARG A 70 20.12 -10.60 9.00
C ARG A 70 20.29 -9.13 9.42
N TRP A 71 19.17 -8.46 9.66
CA TRP A 71 19.22 -7.07 10.08
C TRP A 71 19.99 -6.98 11.39
N LYS A 72 19.78 -7.94 12.28
CA LYS A 72 20.47 -7.94 13.56
C LYS A 72 21.97 -8.22 13.40
N ALA A 73 22.30 -9.13 12.50
CA ALA A 73 23.70 -9.47 12.25
C ALA A 73 24.46 -8.29 11.68
N LEU A 74 23.80 -7.54 10.79
CA LEU A 74 24.43 -6.38 10.16
C LEU A 74 24.54 -5.15 11.05
N THR A 75 23.44 -4.79 11.70
CA THR A 75 23.39 -3.59 12.52
C THR A 75 23.37 -3.76 14.04
N GLY A 76 23.07 -4.96 14.50
CA GLY A 76 23.01 -5.21 15.93
C GLY A 76 21.63 -4.88 16.50
N LYS A 77 20.75 -4.33 15.66
CA LYS A 77 19.41 -3.96 16.11
C LYS A 77 18.42 -5.11 15.99
N SER A 78 17.62 -5.29 17.04
CA SER A 78 16.64 -6.37 17.07
C SER A 78 15.21 -5.90 16.85
N ILE A 79 14.58 -6.42 15.78
CA ILE A 79 13.19 -6.08 15.50
C ILE A 79 12.39 -7.25 16.08
N GLU A 80 11.57 -6.96 17.09
CA GLU A 80 10.77 -7.99 17.74
C GLU A 80 9.71 -8.50 16.77
N LEU A 81 9.37 -9.78 16.87
CA LEU A 81 8.39 -10.38 15.97
C LEU A 81 7.24 -11.06 16.70
N TYR A 82 6.01 -10.73 16.30
CA TYR A 82 4.81 -11.35 16.87
C TYR A 82 4.04 -11.88 15.67
N VAL A 83 3.96 -13.21 15.56
CA VAL A 83 3.27 -13.82 14.44
C VAL A 83 1.84 -14.24 14.82
N GLY A 84 0.88 -13.57 14.21
CA GLY A 84 -0.51 -13.86 14.50
C GLY A 84 -1.44 -12.96 13.71
N ASP A 85 -2.72 -13.30 13.78
CA ASP A 85 -3.80 -12.59 13.09
C ASP A 85 -4.35 -11.51 14.01
N ILE A 86 -4.33 -10.25 13.57
CA ILE A 86 -4.85 -9.20 14.45
C ILE A 86 -6.36 -9.29 14.66
N CYS A 87 -7.03 -10.17 13.91
CA CYS A 87 -8.47 -10.35 14.09
C CYS A 87 -8.69 -11.21 15.33
N ASP A 88 -7.60 -11.79 15.83
CA ASP A 88 -7.62 -12.60 17.05
C ASP A 88 -7.21 -11.61 18.13
N PHE A 89 -8.19 -11.04 18.83
CA PHE A 89 -7.88 -10.04 19.84
C PHE A 89 -6.95 -10.49 20.95
N GLU A 90 -7.06 -11.75 21.37
CA GLU A 90 -6.19 -12.26 22.42
C GLU A 90 -4.74 -12.08 21.99
N PHE A 91 -4.45 -12.44 20.76
CA PHE A 91 -3.09 -12.31 20.21
C PHE A 91 -2.68 -10.85 20.12
N LEU A 92 -3.56 -10.01 19.58
CA LEU A 92 -3.24 -8.59 19.44
C LEU A 92 -3.01 -7.93 20.79
N ALA A 93 -3.89 -8.22 21.74
CA ALA A 93 -3.77 -7.64 23.08
C ALA A 93 -2.46 -8.05 23.73
N GLU A 94 -2.12 -9.32 23.64
CA GLU A 94 -0.87 -9.81 24.23
C GLU A 94 0.34 -9.13 23.60
N SER A 95 0.29 -8.93 22.28
CA SER A 95 1.40 -8.30 21.58
C SER A 95 1.52 -6.83 21.96
N PHE A 96 0.37 -6.17 22.10
CA PHE A 96 0.34 -4.76 22.46
C PHE A 96 0.89 -4.57 23.87
N LYS A 97 0.45 -5.39 24.80
CA LYS A 97 0.89 -5.29 26.19
C LYS A 97 2.36 -5.66 26.35
N SER A 98 2.84 -6.57 25.51
CA SER A 98 4.23 -6.99 25.58
C SER A 98 5.16 -5.91 25.04
N PHE A 99 4.79 -5.32 23.92
CA PHE A 99 5.61 -4.31 23.27
C PHE A 99 5.42 -2.87 23.75
N GLU A 100 4.19 -2.52 24.13
CA GLU A 100 3.88 -1.17 24.61
C GLU A 100 4.29 -0.11 23.57
N PRO A 101 3.64 -0.11 22.40
CA PRO A 101 3.95 0.85 21.35
C PRO A 101 3.50 2.28 21.63
N ASP A 102 4.26 3.24 21.10
CA ASP A 102 3.94 4.66 21.24
C ASP A 102 3.22 5.05 19.96
N SER A 103 3.48 4.28 18.91
CA SER A 103 2.87 4.48 17.61
C SER A 103 2.60 3.11 16.99
N VAL A 104 1.51 3.01 16.24
CA VAL A 104 1.18 1.79 15.54
C VAL A 104 1.00 2.16 14.07
N VAL A 105 1.73 1.48 13.19
CA VAL A 105 1.57 1.74 11.75
C VAL A 105 0.84 0.49 11.26
N HIS A 106 -0.37 0.69 10.73
CA HIS A 106 -1.19 -0.41 10.28
C HIS A 106 -1.17 -0.67 8.77
N PHE A 107 -0.35 -1.63 8.36
CA PHE A 107 -0.24 -2.04 6.94
C PHE A 107 -0.88 -3.43 6.81
N GLY A 108 -1.33 -4.00 7.93
CA GLY A 108 -1.86 -5.35 7.93
C GLY A 108 -3.24 -5.67 7.39
N GLU A 109 -3.44 -5.43 6.10
CA GLU A 109 -4.73 -5.71 5.49
C GLU A 109 -4.58 -6.32 4.11
N GLN A 110 -5.67 -6.93 3.63
CA GLN A 110 -5.71 -7.51 2.30
C GLN A 110 -5.80 -6.27 1.42
N ARG A 111 -4.75 -5.99 0.64
CA ARG A 111 -4.70 -4.76 -0.16
C ARG A 111 -4.96 -4.83 -1.65
N SER A 112 -5.21 -6.03 -2.18
CA SER A 112 -5.43 -6.18 -3.61
C SER A 112 -6.88 -6.00 -4.05
N ALA A 113 -7.10 -5.11 -5.01
CA ALA A 113 -8.45 -4.90 -5.53
C ALA A 113 -8.88 -6.16 -6.27
N PRO A 114 -8.04 -6.70 -7.17
CA PRO A 114 -8.43 -7.91 -7.89
C PRO A 114 -8.75 -9.07 -6.94
N TYR A 115 -7.92 -9.24 -5.91
CA TYR A 115 -8.16 -10.33 -4.96
C TYR A 115 -9.53 -10.22 -4.33
N SER A 116 -9.93 -8.99 -4.00
CA SER A 116 -11.22 -8.75 -3.36
C SER A 116 -12.40 -9.02 -4.30
N MET A 117 -12.11 -9.14 -5.60
CA MET A 117 -13.14 -9.38 -6.60
C MET A 117 -13.13 -10.79 -7.17
N ILE A 118 -12.29 -11.68 -6.64
CA ILE A 118 -12.21 -13.04 -7.15
C ILE A 118 -13.52 -13.82 -7.03
N ASP A 119 -14.11 -13.80 -5.84
CA ASP A 119 -15.37 -14.50 -5.59
C ASP A 119 -15.97 -13.98 -4.27
N ARG A 120 -17.15 -14.47 -3.91
CA ARG A 120 -17.80 -14.03 -2.68
C ARG A 120 -16.92 -14.24 -1.45
N SER A 121 -16.34 -15.42 -1.33
CA SER A 121 -15.51 -15.73 -0.17
C SER A 121 -14.37 -14.75 -0.01
N ARG A 122 -13.75 -14.36 -1.11
CA ARG A 122 -12.63 -13.43 -1.03
C ARG A 122 -13.06 -11.99 -0.78
N ALA A 123 -14.26 -11.63 -1.22
CA ALA A 123 -14.78 -10.27 -0.98
C ALA A 123 -15.11 -10.17 0.51
N VAL A 124 -15.76 -11.21 1.04
CA VAL A 124 -16.13 -11.26 2.45
C VAL A 124 -14.86 -11.32 3.32
N TYR A 125 -13.89 -12.12 2.92
CA TYR A 125 -12.66 -12.21 3.70
C TYR A 125 -12.00 -10.83 3.75
N THR A 126 -11.95 -10.16 2.60
CA THR A 126 -11.33 -8.85 2.53
C THR A 126 -11.96 -7.85 3.50
N GLN A 127 -13.28 -7.75 3.47
CA GLN A 127 -13.95 -6.80 4.36
C GLN A 127 -13.88 -7.23 5.81
N HIS A 128 -14.08 -8.51 6.10
CA HIS A 128 -14.00 -8.96 7.49
C HIS A 128 -12.60 -8.75 8.05
N ASN A 129 -11.59 -9.28 7.36
CA ASN A 129 -10.21 -9.17 7.81
C ASN A 129 -9.80 -7.72 8.04
N ASN A 130 -10.08 -6.86 7.07
CA ASN A 130 -9.69 -5.47 7.15
C ASN A 130 -10.47 -4.66 8.17
N VAL A 131 -11.80 -4.70 8.08
CA VAL A 131 -12.63 -3.93 9.01
C VAL A 131 -12.53 -4.39 10.46
N ILE A 132 -12.63 -5.70 10.70
CA ILE A 132 -12.55 -6.19 12.08
C ILE A 132 -11.13 -6.05 12.64
N GLY A 133 -10.12 -6.29 11.82
CA GLY A 133 -8.76 -6.16 12.30
C GLY A 133 -8.50 -4.74 12.76
N THR A 134 -8.96 -3.77 11.97
CA THR A 134 -8.76 -2.37 12.31
C THR A 134 -9.54 -2.01 13.58
N LEU A 135 -10.77 -2.53 13.73
CA LEU A 135 -11.54 -2.27 14.94
C LEU A 135 -10.76 -2.79 16.16
N ASN A 136 -10.16 -3.97 16.02
CA ASN A 136 -9.40 -4.54 17.12
C ASN A 136 -8.22 -3.64 17.49
N VAL A 137 -7.56 -3.07 16.48
CA VAL A 137 -6.43 -2.19 16.73
C VAL A 137 -6.90 -0.97 17.53
N LEU A 138 -8.06 -0.42 17.15
CA LEU A 138 -8.59 0.74 17.85
C LEU A 138 -8.92 0.41 19.30
N PHE A 139 -9.51 -0.76 19.54
CA PHE A 139 -9.83 -1.14 20.91
C PHE A 139 -8.58 -1.43 21.73
N ALA A 140 -7.55 -1.97 21.09
CA ALA A 140 -6.30 -2.26 21.80
C ALA A 140 -5.65 -0.95 22.25
N ILE A 141 -5.64 0.03 21.36
CA ILE A 141 -5.08 1.34 21.69
C ILE A 141 -5.87 1.96 22.84
N LYS A 142 -7.20 1.94 22.74
CA LYS A 142 -8.04 2.53 23.77
C LYS A 142 -7.84 1.88 25.13
N GLU A 143 -7.76 0.55 25.16
CA GLU A 143 -7.63 -0.19 26.40
C GLU A 143 -6.23 -0.31 27.00
N PHE A 144 -5.21 -0.43 26.16
CA PHE A 144 -3.86 -0.61 26.66
C PHE A 144 -2.87 0.54 26.49
N GLY A 145 -3.20 1.50 25.64
CA GLY A 145 -2.31 2.64 25.44
C GLY A 145 -3.02 3.73 24.67
N GLU A 146 -3.96 4.39 25.35
CA GLU A 146 -4.77 5.43 24.74
C GLU A 146 -4.04 6.59 24.06
N GLU A 147 -2.79 6.83 24.44
CA GLU A 147 -2.03 7.92 23.84
C GLU A 147 -1.27 7.48 22.60
N CYS A 148 -1.35 6.18 22.29
CA CYS A 148 -0.67 5.61 21.14
C CYS A 148 -1.24 6.19 19.83
N HIS A 149 -0.35 6.69 18.99
CA HIS A 149 -0.73 7.29 17.70
C HIS A 149 -0.90 6.22 16.63
N LEU A 150 -2.10 6.17 16.03
CA LEU A 150 -2.35 5.22 14.96
C LEU A 150 -2.06 5.86 13.60
N VAL A 151 -1.12 5.29 12.87
CA VAL A 151 -0.79 5.75 11.53
C VAL A 151 -1.36 4.65 10.66
N LYS A 152 -2.51 4.95 10.06
CA LYS A 152 -3.25 4.01 9.23
C LYS A 152 -3.02 4.17 7.74
N LEU A 153 -2.87 3.05 7.04
CA LEU A 153 -2.71 3.13 5.59
C LEU A 153 -4.11 3.04 4.99
N GLY A 154 -4.54 4.16 4.39
CA GLY A 154 -5.84 4.21 3.75
C GLY A 154 -5.64 3.94 2.28
N ALA A 155 -6.21 4.78 1.42
CA ALA A 155 -6.07 4.60 -0.03
C ALA A 155 -6.63 5.79 -0.81
N MET A 156 -5.90 6.25 -1.82
CA MET A 156 -6.39 7.34 -2.64
C MET A 156 -7.68 6.87 -3.32
N GLY A 157 -7.81 5.55 -3.49
CA GLY A 157 -8.98 4.99 -4.11
C GLY A 157 -10.28 5.25 -3.36
N GLU A 158 -10.18 5.66 -2.11
CA GLU A 158 -11.37 5.95 -1.32
C GLU A 158 -12.21 7.07 -1.97
N TYR A 159 -11.53 8.00 -2.62
CA TYR A 159 -12.20 9.14 -3.24
C TYR A 159 -12.83 8.90 -4.60
N GLY A 160 -12.41 7.85 -5.30
CA GLY A 160 -12.96 7.59 -6.62
C GLY A 160 -12.47 8.66 -7.58
N THR A 161 -13.25 8.93 -8.63
CA THR A 161 -12.86 9.93 -9.62
C THR A 161 -13.97 10.95 -9.89
N PRO A 162 -14.25 11.81 -8.91
CA PRO A 162 -15.30 12.84 -9.04
C PRO A 162 -14.91 13.93 -10.04
N ASN A 163 -15.88 14.75 -10.42
CA ASN A 163 -15.62 15.82 -11.37
C ASN A 163 -15.11 17.10 -10.71
N ILE A 164 -14.69 16.99 -9.45
CA ILE A 164 -14.15 18.14 -8.74
C ILE A 164 -12.82 17.75 -8.11
N ASP A 165 -12.06 18.74 -7.66
CA ASP A 165 -10.77 18.48 -7.04
C ASP A 165 -10.94 17.60 -5.82
N ILE A 166 -9.98 16.70 -5.63
CA ILE A 166 -9.98 15.80 -4.48
C ILE A 166 -9.14 16.47 -3.39
N GLU A 167 -9.71 16.64 -2.21
CA GLU A 167 -8.99 17.27 -1.10
C GLU A 167 -8.39 16.22 -0.18
N GLU A 168 -7.63 16.67 0.81
CA GLU A 168 -7.00 15.75 1.75
C GLU A 168 -7.93 15.43 2.92
N GLY A 169 -8.90 14.56 2.64
CA GLY A 169 -9.83 14.11 3.66
C GLY A 169 -11.06 14.94 3.98
N TYR A 170 -10.97 16.26 3.83
CA TYR A 170 -12.09 17.13 4.17
C TYR A 170 -12.39 18.18 3.11
N ILE A 171 -13.64 18.63 3.07
CA ILE A 171 -14.04 19.65 2.11
C ILE A 171 -15.02 20.63 2.75
N THR A 172 -14.77 21.91 2.54
CA THR A 172 -15.64 22.95 3.08
C THR A 172 -16.70 23.21 2.02
N ILE A 173 -17.96 23.01 2.41
CA ILE A 173 -19.08 23.18 1.51
C ILE A 173 -20.07 24.25 1.95
N THR A 174 -20.58 25.00 0.99
CA THR A 174 -21.59 26.01 1.28
C THR A 174 -22.83 25.44 0.59
N HIS A 175 -23.83 25.08 1.38
CA HIS A 175 -25.05 24.49 0.86
C HIS A 175 -26.26 25.22 1.42
N ASN A 176 -27.13 25.66 0.52
CA ASN A 176 -28.33 26.40 0.90
C ASN A 176 -28.09 27.52 1.91
N GLY A 177 -27.05 28.30 1.67
CA GLY A 177 -26.75 29.42 2.55
C GLY A 177 -25.99 29.14 3.83
N ARG A 178 -25.63 27.88 4.07
CA ARG A 178 -24.88 27.53 5.26
C ARG A 178 -23.56 26.87 4.87
N THR A 179 -22.56 27.00 5.73
CA THR A 179 -21.24 26.43 5.45
C THR A 179 -20.80 25.47 6.54
N ASP A 180 -20.02 24.46 6.13
CA ASP A 180 -19.50 23.48 7.08
C ASP A 180 -18.38 22.71 6.40
N THR A 181 -17.48 22.14 7.19
CA THR A 181 -16.38 21.36 6.65
C THR A 181 -16.74 19.91 6.96
N LEU A 182 -16.90 19.12 5.91
CA LEU A 182 -17.31 17.72 6.06
C LEU A 182 -16.32 16.72 5.49
N PRO A 183 -16.51 15.43 5.83
CA PRO A 183 -15.62 14.40 5.31
C PRO A 183 -15.82 14.37 3.80
N TYR A 184 -14.74 14.22 3.04
CA TYR A 184 -14.86 14.20 1.59
C TYR A 184 -15.65 12.96 1.16
N PRO A 185 -16.65 13.14 0.27
CA PRO A 185 -17.47 12.04 -0.22
C PRO A 185 -16.62 10.90 -0.76
N LYS A 186 -16.94 9.68 -0.35
CA LYS A 186 -16.17 8.52 -0.79
C LYS A 186 -16.90 7.69 -1.85
N GLN A 187 -16.14 7.24 -2.85
CA GLN A 187 -16.70 6.44 -3.95
C GLN A 187 -15.70 5.35 -4.35
N ALA A 188 -15.65 4.27 -3.59
CA ALA A 188 -14.72 3.17 -3.85
C ALA A 188 -15.18 2.28 -5.00
N SER A 189 -14.21 1.70 -5.72
CA SER A 189 -14.53 0.87 -6.89
C SER A 189 -14.18 -0.61 -6.81
N SER A 190 -14.06 -1.14 -5.60
CA SER A 190 -13.78 -2.57 -5.39
C SER A 190 -14.09 -2.89 -3.93
N PHE A 191 -14.27 -4.16 -3.61
CA PHE A 191 -14.56 -4.50 -2.22
C PHE A 191 -13.37 -4.16 -1.34
N TYR A 192 -12.18 -4.18 -1.92
CA TYR A 192 -10.99 -3.81 -1.16
C TYR A 192 -11.02 -2.31 -0.84
N HIS A 193 -11.21 -1.47 -1.87
CA HIS A 193 -11.24 -0.04 -1.63
C HIS A 193 -12.37 0.33 -0.67
N LEU A 194 -13.48 -0.39 -0.77
CA LEU A 194 -14.61 -0.14 0.11
C LEU A 194 -14.21 -0.40 1.56
N SER A 195 -13.45 -1.47 1.80
CA SER A 195 -13.04 -1.79 3.17
C SER A 195 -12.21 -0.65 3.77
N LYS A 196 -11.43 0.03 2.94
CA LYS A 196 -10.62 1.14 3.44
C LYS A 196 -11.53 2.31 3.81
N VAL A 197 -12.58 2.54 3.02
CA VAL A 197 -13.53 3.59 3.32
C VAL A 197 -14.17 3.27 4.68
N HIS A 198 -14.53 2.01 4.89
CA HIS A 198 -15.13 1.61 6.17
C HIS A 198 -14.15 1.88 7.32
N ASP A 199 -12.89 1.50 7.11
CA ASP A 199 -11.84 1.70 8.10
C ASP A 199 -11.75 3.17 8.50
N SER A 200 -11.66 4.03 7.50
CA SER A 200 -11.52 5.47 7.73
C SER A 200 -12.69 6.05 8.52
N HIS A 201 -13.90 5.62 8.18
CA HIS A 201 -15.08 6.10 8.90
C HIS A 201 -15.03 5.61 10.35
N ASN A 202 -14.68 4.33 10.55
CA ASN A 202 -14.59 3.78 11.90
C ASN A 202 -13.55 4.53 12.75
N ILE A 203 -12.37 4.76 12.19
CA ILE A 203 -11.32 5.46 12.93
C ILE A 203 -11.73 6.88 13.29
N ALA A 204 -12.30 7.60 12.33
CA ALA A 204 -12.73 8.98 12.55
C ALA A 204 -13.68 9.04 13.74
N PHE A 205 -14.58 8.07 13.83
CA PHE A 205 -15.52 8.01 14.94
C PHE A 205 -14.82 7.86 16.29
N THR A 206 -13.87 6.94 16.38
CA THR A 206 -13.16 6.73 17.64
C THR A 206 -12.32 7.93 18.05
N CYS A 207 -11.87 8.72 17.09
CA CYS A 207 -11.09 9.91 17.42
C CYS A 207 -11.99 10.87 18.19
N LYS A 208 -13.22 11.04 17.72
CA LYS A 208 -14.18 11.94 18.36
C LYS A 208 -14.74 11.37 19.66
N ALA A 209 -15.08 10.09 19.67
CA ALA A 209 -15.67 9.48 20.86
C ALA A 209 -14.71 9.12 21.97
N TRP A 210 -13.50 8.69 21.63
CA TRP A 210 -12.53 8.25 22.63
C TRP A 210 -11.28 9.11 22.77
N GLY A 211 -11.08 10.06 21.86
CA GLY A 211 -9.89 10.89 21.94
C GLY A 211 -8.68 10.25 21.29
N ILE A 212 -8.93 9.23 20.47
CA ILE A 212 -7.85 8.54 19.76
C ILE A 212 -7.16 9.56 18.85
N ARG A 213 -5.85 9.40 18.67
CA ARG A 213 -5.13 10.28 17.76
C ARG A 213 -4.72 9.40 16.60
N ALA A 214 -5.07 9.82 15.38
CA ALA A 214 -4.76 9.03 14.21
C ALA A 214 -4.48 9.83 12.96
N THR A 215 -3.72 9.22 12.06
CA THR A 215 -3.38 9.83 10.79
C THR A 215 -3.69 8.80 9.71
N ASP A 216 -4.63 9.16 8.83
CA ASP A 216 -5.03 8.29 7.74
C ASP A 216 -4.16 8.67 6.54
N LEU A 217 -3.32 7.74 6.10
CA LEU A 217 -2.46 8.01 4.95
C LEU A 217 -3.11 7.43 3.70
N ASN A 218 -3.78 8.29 2.94
CA ASN A 218 -4.43 7.83 1.71
C ASN A 218 -3.36 7.82 0.63
N GLN A 219 -2.63 6.72 0.59
CA GLN A 219 -1.53 6.53 -0.32
C GLN A 219 -1.93 6.18 -1.75
N GLY A 220 -1.11 6.65 -2.69
CA GLY A 220 -1.34 6.36 -4.10
C GLY A 220 -0.61 5.06 -4.42
N VAL A 221 -0.48 4.75 -5.71
CA VAL A 221 0.20 3.52 -6.10
C VAL A 221 1.71 3.60 -5.91
N VAL A 222 2.25 2.62 -5.19
CA VAL A 222 3.68 2.57 -4.91
C VAL A 222 4.45 1.85 -6.01
N TYR A 223 5.65 2.35 -6.32
CA TYR A 223 6.49 1.73 -7.34
C TYR A 223 7.92 1.63 -6.81
N GLY A 224 8.68 0.70 -7.37
CA GLY A 224 10.06 0.52 -6.95
C GLY A 224 10.25 -0.68 -6.03
N VAL A 225 11.50 -1.10 -5.86
CA VAL A 225 11.79 -2.23 -5.00
C VAL A 225 12.94 -1.95 -4.04
N LYS A 226 13.77 -0.97 -4.38
CA LYS A 226 14.92 -0.64 -3.54
C LYS A 226 14.75 0.52 -2.56
N THR A 227 15.30 0.33 -1.37
CA THR A 227 15.34 1.35 -0.32
C THR A 227 16.74 1.18 0.26
N ASP A 228 17.27 2.20 0.92
CA ASP A 228 18.61 2.11 1.48
C ASP A 228 18.83 0.88 2.34
N GLU A 229 17.87 0.56 3.20
CA GLU A 229 18.00 -0.59 4.09
C GLU A 229 17.87 -1.95 3.43
N THR A 230 16.87 -2.13 2.58
CA THR A 230 16.68 -3.44 1.94
C THR A 230 17.80 -3.84 0.99
N GLU A 231 18.55 -2.86 0.50
CA GLU A 231 19.65 -3.14 -0.43
C GLU A 231 20.95 -3.50 0.27
N MET A 232 20.96 -3.44 1.61
CA MET A 232 22.17 -3.74 2.37
C MET A 232 22.62 -5.19 2.35
N HIS A 233 21.72 -6.10 2.01
CA HIS A 233 22.05 -7.53 1.94
C HIS A 233 20.91 -8.23 1.21
N GLU A 234 21.23 -9.28 0.45
CA GLU A 234 20.23 -10.01 -0.31
C GLU A 234 19.06 -10.52 0.53
N GLU A 235 19.33 -10.92 1.77
CA GLU A 235 18.24 -11.43 2.60
C GLU A 235 17.29 -10.35 3.09
N LEU A 236 17.64 -9.09 2.86
CA LEU A 236 16.80 -7.98 3.27
C LEU A 236 15.95 -7.49 2.10
N ARG A 237 16.18 -8.07 0.93
CA ARG A 237 15.49 -7.68 -0.29
C ARG A 237 13.97 -7.72 -0.14
N ASN A 238 13.32 -6.68 -0.68
CA ASN A 238 11.87 -6.58 -0.61
C ASN A 238 11.26 -7.37 -1.76
N ARG A 239 9.95 -7.58 -1.70
CA ARG A 239 9.25 -8.31 -2.75
C ARG A 239 8.88 -7.32 -3.87
N LEU A 240 8.70 -7.84 -5.07
CA LEU A 240 8.32 -7.01 -6.21
C LEU A 240 7.28 -7.83 -6.98
N ASP A 241 6.02 -7.46 -6.83
CA ASP A 241 4.94 -8.19 -7.49
C ASP A 241 4.66 -7.71 -8.90
N TYR A 242 4.42 -8.66 -9.81
CA TYR A 242 4.16 -8.33 -11.21
C TYR A 242 2.94 -9.07 -11.76
N ASP A 243 2.38 -9.99 -10.98
CA ASP A 243 1.22 -10.74 -11.42
C ASP A 243 0.01 -9.80 -11.50
N ALA A 244 -1.05 -10.24 -12.16
CA ALA A 244 -2.24 -9.40 -12.33
C ALA A 244 -3.14 -9.26 -11.10
N VAL A 245 -2.83 -9.99 -10.02
CA VAL A 245 -3.64 -9.90 -8.81
C VAL A 245 -3.05 -8.90 -7.82
N PHE A 246 -1.78 -9.06 -7.49
CA PHE A 246 -1.11 -8.18 -6.55
C PHE A 246 -0.18 -7.14 -7.18
N GLY A 247 0.20 -7.36 -8.44
CA GLY A 247 1.05 -6.39 -9.09
C GLY A 247 0.27 -5.12 -9.35
N THR A 248 0.98 -3.99 -9.40
CA THR A 248 0.34 -2.71 -9.67
C THR A 248 0.91 -2.13 -10.97
N ALA A 249 0.23 -1.14 -11.52
CA ALA A 249 0.59 -0.53 -12.80
C ALA A 249 2.06 -0.35 -13.23
N LEU A 250 2.79 0.53 -12.57
CA LEU A 250 4.17 0.78 -12.98
C LEU A 250 5.10 -0.42 -12.81
N ASN A 251 5.06 -1.07 -11.66
CA ASN A 251 5.92 -2.22 -11.43
C ASN A 251 5.62 -3.29 -12.49
N ARG A 252 4.34 -3.49 -12.79
CA ARG A 252 3.95 -4.48 -13.78
C ARG A 252 4.49 -4.15 -15.16
N PHE A 253 4.38 -2.89 -15.56
CA PHE A 253 4.87 -2.46 -16.87
C PHE A 253 6.37 -2.66 -16.99
N CYS A 254 7.11 -2.36 -15.93
CA CYS A 254 8.56 -2.53 -15.98
C CYS A 254 8.95 -3.99 -16.16
N VAL A 255 8.26 -4.89 -15.49
CA VAL A 255 8.56 -6.31 -15.62
C VAL A 255 8.15 -6.79 -17.02
N GLN A 256 7.02 -6.31 -17.51
CA GLN A 256 6.54 -6.68 -18.83
C GLN A 256 7.55 -6.26 -19.89
N ALA A 257 8.05 -5.03 -19.77
CA ALA A 257 9.04 -4.52 -20.71
C ALA A 257 10.29 -5.40 -20.72
N ALA A 258 10.74 -5.77 -19.53
CA ALA A 258 11.93 -6.60 -19.38
C ALA A 258 11.82 -7.99 -20.00
N VAL A 259 10.62 -8.58 -19.97
CA VAL A 259 10.44 -9.91 -20.54
C VAL A 259 9.91 -9.92 -21.97
N GLY A 260 9.68 -8.74 -22.53
CA GLY A 260 9.19 -8.67 -23.90
C GLY A 260 7.70 -8.81 -24.07
N HIS A 261 6.95 -8.60 -23.00
CA HIS A 261 5.49 -8.69 -23.06
C HIS A 261 4.94 -7.29 -23.30
N PRO A 262 3.97 -7.16 -24.22
CA PRO A 262 3.40 -5.83 -24.49
C PRO A 262 2.80 -5.25 -23.20
N LEU A 263 2.95 -3.94 -23.01
CA LEU A 263 2.42 -3.30 -21.80
C LEU A 263 0.91 -3.46 -21.79
N THR A 264 0.39 -3.98 -20.68
CA THR A 264 -1.05 -4.22 -20.55
C THR A 264 -1.87 -3.01 -20.13
N VAL A 265 -2.31 -2.24 -21.12
CA VAL A 265 -3.13 -1.06 -20.88
C VAL A 265 -4.59 -1.50 -20.80
N TYR A 266 -5.21 -1.32 -19.64
CA TYR A 266 -6.61 -1.71 -19.47
C TYR A 266 -7.54 -0.64 -20.06
N GLY A 267 -8.34 -1.05 -21.04
CA GLY A 267 -9.25 -0.09 -21.64
C GLY A 267 -8.52 1.05 -22.34
N LYS A 268 -9.13 2.24 -22.30
CA LYS A 268 -8.54 3.42 -22.95
C LYS A 268 -7.20 3.86 -22.39
N GLY A 269 -6.94 3.58 -21.12
CA GLY A 269 -5.67 3.96 -20.52
C GLY A 269 -5.62 5.35 -19.94
N GLY A 270 -6.77 6.02 -19.91
CA GLY A 270 -6.82 7.38 -19.37
C GLY A 270 -6.94 7.39 -17.85
N GLN A 271 -7.06 6.21 -17.25
CA GLN A 271 -7.16 6.13 -15.79
C GLN A 271 -5.97 6.87 -15.18
N THR A 272 -6.27 7.89 -14.38
CA THR A 272 -5.25 8.70 -13.75
C THR A 272 -5.23 8.49 -12.25
N ARG A 273 -4.03 8.33 -11.70
CA ARG A 273 -3.86 8.08 -10.28
C ARG A 273 -2.59 8.74 -9.75
N GLY A 274 -2.49 8.84 -8.43
CA GLY A 274 -1.30 9.38 -7.81
C GLY A 274 -0.34 8.24 -7.60
N TYR A 275 0.96 8.50 -7.73
CA TYR A 275 2.00 7.49 -7.55
C TYR A 275 3.13 8.02 -6.67
N LEU A 276 3.91 7.10 -6.11
CA LEU A 276 5.07 7.48 -5.30
C LEU A 276 6.06 6.32 -5.17
N ASP A 277 7.32 6.69 -5.03
CA ASP A 277 8.43 5.75 -4.89
C ASP A 277 8.32 5.13 -3.51
N ILE A 278 8.67 3.85 -3.40
CA ILE A 278 8.61 3.17 -2.11
C ILE A 278 9.52 3.90 -1.11
N ARG A 279 10.54 4.58 -1.62
CA ARG A 279 11.44 5.32 -0.76
C ARG A 279 10.69 6.46 -0.07
N ASP A 280 9.66 6.98 -0.73
CA ASP A 280 8.88 8.06 -0.14
C ASP A 280 7.81 7.50 0.78
N THR A 281 7.41 6.24 0.56
CA THR A 281 6.44 5.61 1.43
C THR A 281 7.04 5.58 2.84
N VAL A 282 8.26 5.07 2.95
CA VAL A 282 8.92 4.99 4.25
C VAL A 282 9.18 6.37 4.85
N GLN A 283 9.54 7.33 4.00
CA GLN A 283 9.80 8.68 4.48
C GLN A 283 8.52 9.31 5.05
N CYS A 284 7.42 9.17 4.32
CA CYS A 284 6.15 9.74 4.74
C CYS A 284 5.66 9.13 6.05
N VAL A 285 5.80 7.82 6.20
CA VAL A 285 5.37 7.17 7.43
C VAL A 285 6.19 7.70 8.61
N GLU A 286 7.50 7.85 8.41
CA GLU A 286 8.35 8.35 9.49
C GLU A 286 7.95 9.77 9.86
N ILE A 287 7.62 10.58 8.86
CA ILE A 287 7.21 11.96 9.11
C ILE A 287 5.90 11.98 9.91
N ALA A 288 4.98 11.10 9.55
CA ALA A 288 3.70 11.03 10.26
C ALA A 288 3.92 10.63 11.72
N ILE A 289 4.90 9.75 11.95
CA ILE A 289 5.22 9.31 13.29
C ILE A 289 5.94 10.40 14.10
N ALA A 290 6.92 11.04 13.47
CA ALA A 290 7.69 12.10 14.12
C ALA A 290 6.87 13.35 14.44
N ASN A 291 5.79 13.57 13.69
CA ASN A 291 4.92 14.73 13.89
C ASN A 291 3.51 14.16 14.06
N PRO A 292 3.22 13.59 15.24
CA PRO A 292 1.93 12.98 15.55
C PRO A 292 0.68 13.84 15.61
N ALA A 293 -0.46 13.19 15.37
CA ALA A 293 -1.75 13.85 15.43
C ALA A 293 -2.00 14.13 16.91
N LYS A 294 -2.83 15.13 17.20
CA LYS A 294 -3.17 15.47 18.57
C LYS A 294 -4.31 14.59 19.05
N ALA A 295 -4.53 14.54 20.36
CA ALA A 295 -5.61 13.75 20.91
C ALA A 295 -6.94 14.16 20.30
N GLY A 296 -7.72 13.16 19.86
CA GLY A 296 -9.01 13.43 19.25
C GLY A 296 -8.95 13.91 17.82
N GLU A 297 -7.75 14.03 17.26
CA GLU A 297 -7.59 14.49 15.89
C GLU A 297 -7.47 13.35 14.88
N PHE A 298 -8.22 13.45 13.79
CA PHE A 298 -8.17 12.46 12.72
C PHE A 298 -7.57 13.19 11.52
N ARG A 299 -6.26 13.09 11.38
CA ARG A 299 -5.57 13.74 10.26
C ARG A 299 -5.69 12.86 9.04
N VAL A 300 -5.75 13.50 7.87
CA VAL A 300 -5.82 12.76 6.62
C VAL A 300 -4.83 13.39 5.64
N PHE A 301 -3.88 12.59 5.16
CA PHE A 301 -2.89 13.07 4.21
C PHE A 301 -3.03 12.28 2.91
N ASN A 302 -2.97 12.96 1.78
CA ASN A 302 -3.02 12.28 0.50
C ASN A 302 -1.54 12.00 0.24
N GLN A 303 -1.17 10.73 0.33
CA GLN A 303 0.22 10.30 0.20
C GLN A 303 0.69 9.81 -1.16
N PHE A 304 1.07 10.76 -2.01
CA PHE A 304 1.60 10.44 -3.33
C PHE A 304 2.39 11.67 -3.75
N THR A 305 3.23 11.53 -4.76
CA THR A 305 4.04 12.66 -5.21
C THR A 305 3.73 13.20 -6.60
N GLU A 306 3.19 12.35 -7.47
CA GLU A 306 2.85 12.78 -8.83
C GLU A 306 1.66 11.99 -9.39
N GLN A 307 0.94 12.60 -10.32
CA GLN A 307 -0.20 11.94 -10.97
C GLN A 307 0.23 11.51 -12.36
N PHE A 308 -0.19 10.32 -12.77
CA PHE A 308 0.11 9.78 -14.09
C PHE A 308 -1.08 8.98 -14.58
N SER A 309 -1.31 9.02 -15.89
CA SER A 309 -2.40 8.23 -16.47
C SER A 309 -1.69 6.94 -16.88
N VAL A 310 -2.46 5.87 -17.13
CA VAL A 310 -1.85 4.62 -17.54
C VAL A 310 -1.09 4.80 -18.85
N ASN A 311 -1.67 5.57 -19.76
CA ASN A 311 -1.01 5.80 -21.05
C ASN A 311 0.31 6.52 -20.87
N GLU A 312 0.36 7.44 -19.89
CA GLU A 312 1.60 8.16 -19.62
C GLU A 312 2.68 7.23 -19.10
N LEU A 313 2.30 6.29 -18.23
CA LEU A 313 3.26 5.33 -17.70
C LEU A 313 3.80 4.47 -18.83
N ALA A 314 2.91 4.04 -19.71
CA ALA A 314 3.30 3.20 -20.85
C ALA A 314 4.35 3.92 -21.69
N SER A 315 4.14 5.21 -21.93
CA SER A 315 5.08 6.00 -22.72
C SER A 315 6.44 6.12 -22.01
N LEU A 316 6.41 6.38 -20.71
CA LEU A 316 7.63 6.52 -19.94
C LEU A 316 8.44 5.22 -19.92
N VAL A 317 7.76 4.10 -19.75
CA VAL A 317 8.44 2.81 -19.71
C VAL A 317 8.98 2.44 -21.09
N THR A 318 8.25 2.80 -22.13
CA THR A 318 8.70 2.51 -23.50
C THR A 318 9.98 3.27 -23.78
N LYS A 319 9.99 4.56 -23.44
CA LYS A 319 11.17 5.39 -23.66
C LYS A 319 12.36 4.91 -22.85
N ALA A 320 12.12 4.56 -21.58
CA ALA A 320 13.17 4.06 -20.72
C ALA A 320 13.68 2.72 -21.24
N GLY A 321 12.75 1.90 -21.74
CA GLY A 321 13.11 0.60 -22.26
C GLY A 321 13.94 0.68 -23.53
N SER A 322 13.67 1.71 -24.34
CA SER A 322 14.39 1.90 -25.58
C SER A 322 15.88 2.11 -25.31
N LYS A 323 16.18 2.84 -24.24
CA LYS A 323 17.56 3.12 -23.87
C LYS A 323 18.28 1.83 -23.45
N LEU A 324 17.52 0.77 -23.25
CA LEU A 324 18.08 -0.52 -22.86
C LEU A 324 17.82 -1.54 -23.98
N GLY A 325 17.36 -1.04 -25.12
CA GLY A 325 17.09 -1.90 -26.27
C GLY A 325 16.07 -2.99 -26.00
N LEU A 326 14.98 -2.63 -25.33
CA LEU A 326 13.93 -3.58 -25.00
C LEU A 326 12.74 -3.54 -25.96
N ASP A 327 12.84 -2.67 -26.98
CA ASP A 327 11.78 -2.52 -27.98
C ASP A 327 10.39 -2.74 -27.37
N VAL A 328 10.05 -1.95 -26.37
CA VAL A 328 8.76 -2.08 -25.70
C VAL A 328 7.55 -1.85 -26.60
N LYS A 329 6.56 -2.74 -26.49
CA LYS A 329 5.31 -2.65 -27.26
C LYS A 329 4.15 -2.47 -26.29
N LYS A 330 3.02 -1.99 -26.80
CA LYS A 330 1.84 -1.79 -25.97
C LYS A 330 0.64 -2.56 -26.52
N MET A 331 -0.28 -2.93 -25.65
CA MET A 331 -1.48 -3.64 -26.08
C MET A 331 -2.67 -3.14 -25.27
N THR A 332 -3.85 -3.21 -25.86
CA THR A 332 -5.07 -2.77 -25.18
C THR A 332 -5.80 -4.01 -24.70
N VAL A 333 -5.93 -4.15 -23.39
CA VAL A 333 -6.60 -5.29 -22.80
C VAL A 333 -8.02 -4.91 -22.40
N PRO A 334 -9.02 -5.73 -22.80
CA PRO A 334 -10.39 -5.40 -22.42
C PRO A 334 -10.36 -5.24 -20.90
N ASN A 335 -10.78 -4.08 -20.41
CA ASN A 335 -10.72 -3.80 -18.99
C ASN A 335 -11.49 -4.77 -18.10
N PRO A 336 -10.78 -5.47 -17.19
CA PRO A 336 -11.48 -6.40 -16.30
C PRO A 336 -12.25 -5.63 -15.22
N ARG A 337 -11.88 -4.37 -15.03
CA ARG A 337 -12.50 -3.52 -14.01
C ARG A 337 -13.59 -2.61 -14.52
N VAL A 338 -14.41 -2.13 -13.59
CA VAL A 338 -15.47 -1.18 -13.90
C VAL A 338 -14.94 0.12 -13.30
N GLU A 339 -14.53 1.04 -14.17
CA GLU A 339 -13.96 2.30 -13.72
C GLU A 339 -13.99 3.26 -14.90
N ALA A 340 -13.79 4.55 -14.63
CA ALA A 340 -13.76 5.56 -15.68
C ALA A 340 -12.41 5.45 -16.38
N GLU A 341 -12.42 5.37 -17.70
CA GLU A 341 -11.18 5.25 -18.46
C GLU A 341 -10.70 6.58 -19.03
N GLU A 342 -11.49 7.62 -18.75
CA GLU A 342 -11.19 8.99 -19.17
C GLU A 342 -11.90 9.79 -18.09
N HIS A 343 -11.15 10.56 -17.31
CA HIS A 343 -11.77 11.32 -16.22
C HIS A 343 -10.93 12.47 -15.71
N TYR A 344 -11.59 13.41 -15.05
CA TYR A 344 -10.91 14.56 -14.46
C TYR A 344 -10.17 14.02 -13.24
N TYR A 345 -9.00 14.57 -12.94
CA TYR A 345 -8.26 14.14 -11.76
C TYR A 345 -7.29 15.21 -11.30
N ASN A 346 -7.58 15.80 -10.16
CA ASN A 346 -6.73 16.82 -9.56
C ASN A 346 -6.81 16.66 -8.05
N ALA A 347 -5.98 15.78 -7.52
CA ALA A 347 -5.95 15.50 -6.09
C ALA A 347 -4.89 16.32 -5.40
N LYS A 348 -5.30 16.99 -4.33
CA LYS A 348 -4.40 17.83 -3.55
C LYS A 348 -3.47 17.00 -2.69
N HIS A 349 -2.23 17.46 -2.55
CA HIS A 349 -1.24 16.77 -1.74
C HIS A 349 -0.15 17.75 -1.31
N THR A 350 -0.38 18.39 -0.17
CA THR A 350 0.58 19.36 0.36
C THR A 350 0.88 19.17 1.84
N LYS A 351 0.02 18.46 2.56
CA LYS A 351 0.24 18.27 4.00
C LYS A 351 1.59 17.62 4.32
N LEU A 352 1.95 16.58 3.59
CA LEU A 352 3.24 15.92 3.83
C LEU A 352 4.40 16.82 3.41
N MET A 353 4.22 17.57 2.33
CA MET A 353 5.27 18.47 1.87
C MET A 353 5.50 19.57 2.92
N GLU A 354 4.41 20.04 3.54
CA GLU A 354 4.51 21.07 4.56
C GLU A 354 5.24 20.56 5.79
N LEU A 355 5.23 19.24 5.97
CA LEU A 355 5.90 18.62 7.11
C LEU A 355 7.35 18.23 6.80
N GLY A 356 7.83 18.62 5.63
CA GLY A 356 9.21 18.33 5.28
C GLY A 356 9.51 17.23 4.28
N LEU A 357 8.51 16.70 3.60
CA LEU A 357 8.76 15.65 2.63
C LEU A 357 9.71 16.10 1.52
N GLU A 358 10.75 15.30 1.28
CA GLU A 358 11.72 15.55 0.23
C GLU A 358 11.50 14.38 -0.73
N PRO A 359 10.57 14.55 -1.68
CA PRO A 359 10.21 13.53 -2.68
C PRO A 359 11.23 13.11 -3.71
N HIS A 360 11.07 11.85 -4.15
CA HIS A 360 11.91 11.26 -5.18
C HIS A 360 10.98 11.15 -6.38
N TYR A 361 10.86 12.22 -7.16
CA TYR A 361 9.98 12.20 -8.32
C TYR A 361 10.46 11.17 -9.33
N LEU A 362 9.53 10.57 -10.05
CA LEU A 362 9.87 9.55 -11.04
C LEU A 362 10.92 10.12 -11.97
N SER A 363 12.00 9.38 -12.16
CA SER A 363 13.10 9.83 -13.01
C SER A 363 13.59 8.78 -13.98
N ASP A 364 14.46 9.19 -14.90
CA ASP A 364 15.03 8.27 -15.89
C ASP A 364 15.88 7.27 -15.12
N SER A 365 16.55 7.76 -14.09
CA SER A 365 17.42 6.93 -13.27
C SER A 365 16.66 5.81 -12.57
N LEU A 366 15.50 6.14 -12.01
CA LEU A 366 14.68 5.15 -11.33
C LEU A 366 14.20 4.08 -12.31
N LEU A 367 13.66 4.52 -13.44
CA LEU A 367 13.18 3.57 -14.43
C LEU A 367 14.31 2.69 -14.97
N ASP A 368 15.48 3.29 -15.20
CA ASP A 368 16.61 2.52 -15.70
C ASP A 368 16.98 1.45 -14.69
N SER A 369 17.01 1.83 -13.42
CA SER A 369 17.36 0.92 -12.33
C SER A 369 16.32 -0.20 -12.17
N LEU A 370 15.05 0.17 -12.18
CA LEU A 370 13.97 -0.79 -12.01
C LEU A 370 13.91 -1.75 -13.21
N LEU A 371 14.09 -1.22 -14.41
CA LEU A 371 14.06 -2.04 -15.61
C LEU A 371 15.22 -3.04 -15.61
N ASN A 372 16.42 -2.56 -15.30
CA ASN A 372 17.59 -3.44 -15.27
C ASN A 372 17.39 -4.53 -14.21
N PHE A 373 16.69 -4.17 -13.14
CA PHE A 373 16.41 -5.09 -12.06
C PHE A 373 15.52 -6.22 -12.58
N ALA A 374 14.47 -5.84 -13.30
CA ALA A 374 13.55 -6.82 -13.87
C ALA A 374 14.27 -7.70 -14.88
N VAL A 375 15.19 -7.11 -15.64
CA VAL A 375 15.95 -7.87 -16.62
C VAL A 375 16.84 -8.87 -15.88
N GLN A 376 17.42 -8.42 -14.77
CA GLN A 376 18.29 -9.25 -13.95
C GLN A 376 17.61 -10.54 -13.52
N PHE A 377 16.35 -10.44 -13.09
CA PHE A 377 15.61 -11.61 -12.64
C PHE A 377 14.53 -12.06 -13.63
N LYS A 378 14.70 -11.68 -14.90
CA LYS A 378 13.72 -12.03 -15.94
C LYS A 378 13.41 -13.53 -16.00
N ASP A 379 14.39 -14.36 -15.66
CA ASP A 379 14.21 -15.81 -15.70
C ASP A 379 13.18 -16.32 -14.70
N ARG A 380 12.95 -15.56 -13.64
CA ARG A 380 12.00 -15.96 -12.60
C ARG A 380 10.56 -15.56 -12.93
N VAL A 381 10.38 -14.76 -13.97
CA VAL A 381 9.05 -14.29 -14.35
C VAL A 381 8.14 -15.35 -14.97
N ASP A 382 6.99 -15.56 -14.34
CA ASP A 382 5.99 -16.51 -14.83
C ASP A 382 5.05 -15.66 -15.68
N THR A 383 5.24 -15.70 -17.00
CA THR A 383 4.42 -14.92 -17.91
C THR A 383 2.94 -15.29 -17.90
N LYS A 384 2.61 -16.46 -17.37
CA LYS A 384 1.23 -16.90 -17.32
C LYS A 384 0.41 -16.03 -16.36
N GLN A 385 1.10 -15.36 -15.44
CA GLN A 385 0.41 -14.52 -14.46
C GLN A 385 0.33 -13.05 -14.83
N ILE A 386 0.81 -12.69 -16.01
CA ILE A 386 0.79 -11.30 -16.43
C ILE A 386 -0.59 -10.76 -16.80
N MET A 387 -1.35 -11.49 -17.60
CA MET A 387 -2.68 -11.05 -18.01
C MET A 387 -3.72 -11.22 -16.91
N PRO A 388 -4.62 -10.24 -16.76
CA PRO A 388 -5.67 -10.31 -15.72
C PRO A 388 -6.76 -11.32 -16.05
N SER A 389 -7.18 -12.08 -15.05
CA SER A 389 -8.23 -13.08 -15.23
C SER A 389 -9.37 -12.90 -14.24
N VAL A 390 -9.38 -11.78 -13.53
CA VAL A 390 -10.43 -11.51 -12.55
C VAL A 390 -11.35 -10.39 -13.03
N SER A 391 -12.59 -10.74 -13.33
CA SER A 391 -13.57 -9.78 -13.82
C SER A 391 -14.43 -9.15 -12.71
N TRP A 392 -14.55 -7.83 -12.72
CA TRP A 392 -15.36 -7.13 -11.72
C TRP A 392 -16.84 -7.53 -11.87
N LYS A 393 -17.27 -7.71 -13.12
CA LYS A 393 -18.66 -8.05 -13.40
C LYS A 393 -19.02 -9.53 -13.33
N LYS A 394 -18.10 -10.41 -13.70
CA LYS A 394 -18.37 -11.85 -13.69
C LYS A 394 -18.13 -12.56 -12.38
N ILE A 395 -17.76 -11.82 -11.35
CA ILE A 395 -17.48 -12.41 -10.04
C ILE A 395 -18.65 -13.29 -9.58
N GLY A 396 -18.33 -14.48 -9.09
CA GLY A 396 -19.36 -15.40 -8.64
C GLY A 396 -19.26 -15.81 -7.17
N VAL A 397 -20.10 -16.76 -6.76
CA VAL A 397 -20.10 -17.21 -5.37
C VAL A 397 -19.25 -18.46 -5.13
N LYS A 398 -18.99 -19.22 -6.19
CA LYS A 398 -18.17 -20.43 -6.03
C LYS A 398 -16.72 -20.05 -5.77
N THR A 399 -16.11 -20.66 -4.75
CA THR A 399 -14.73 -20.37 -4.44
C THR A 399 -13.86 -20.87 -5.59
N LYS A 400 -13.09 -19.96 -6.19
CA LYS A 400 -12.26 -20.29 -7.33
C LYS A 400 -10.87 -20.81 -6.95
N SER A 401 -10.33 -21.65 -7.82
CA SER A 401 -9.00 -22.20 -7.65
C SER A 401 -8.20 -21.73 -8.86
N MET A 402 -7.25 -20.85 -8.64
CA MET A 402 -6.43 -20.31 -9.73
C MET A 402 -5.24 -21.23 -10.00
N THR A 403 -5.38 -22.09 -11.02
S SO4 B . 0.55 16.41 -9.81
O1 SO4 B . -0.67 16.84 -10.51
O2 SO4 B . 1.38 17.59 -9.50
O3 SO4 B . 0.17 15.74 -8.55
O4 SO4 B . 1.32 15.48 -10.65
S SO4 C . 17.15 9.41 6.14
O1 SO4 C . 16.91 8.41 5.09
O2 SO4 C . 17.48 10.70 5.52
O3 SO4 C . 15.94 9.56 6.96
O4 SO4 C . 18.27 8.96 6.99
PA NAD D . 1.25 -6.59 1.39
O1A NAD D . 0.19 -7.56 1.04
O2A NAD D . 2.62 -6.73 0.75
O5B NAD D . 1.48 -6.49 2.95
C5B NAD D . 0.42 -6.64 3.95
C4B NAD D . 0.92 -7.49 5.08
O4B NAD D . -0.15 -7.53 6.03
C3B NAD D . 1.27 -8.94 4.68
O3B NAD D . 2.59 -9.28 5.13
C2B NAD D . 0.12 -9.76 5.35
O2B NAD D . 0.58 -11.07 5.71
C1B NAD D . -0.20 -8.84 6.56
N9A NAD D . -1.56 -9.07 7.05
C8A NAD D . -2.75 -9.04 6.33
N7A NAD D . -3.78 -9.33 7.11
C5A NAD D . -3.24 -9.52 8.32
C6A NAD D . -3.86 -9.87 9.58
N6A NAD D . -5.21 -10.12 9.75
N1A NAD D . -3.05 -9.98 10.66
C2A NAD D . -1.69 -9.78 10.64
N3A NAD D . -1.10 -9.46 9.45
C4A NAD D . -1.84 -9.34 8.31
O3 NAD D . 0.71 -5.12 1.14
PN NAD D . 1.41 -3.72 0.85
O1N NAD D . 1.53 -3.49 -0.59
O2N NAD D . 2.60 -3.70 1.74
O5D NAD D . 0.35 -2.75 1.44
C5D NAD D . 0.29 -2.46 2.87
C4D NAD D . -0.76 -1.43 3.16
O4D NAD D . -0.42 -0.25 2.40
C3D NAD D . -2.18 -1.78 2.72
O3D NAD D . -3.18 -1.16 3.52
C2D NAD D . -2.31 -1.18 1.34
O2D NAD D . -3.63 -1.03 0.81
C1D NAD D . -1.48 0.10 1.54
N1N NAD D . -1.05 0.62 0.27
C2N NAD D . -0.23 -0.11 -0.62
C3N NAD D . 0.00 0.41 -1.90
C7N NAD D . 0.80 -0.33 -2.90
O7N NAD D . 0.91 0.16 -4.03
N7N NAD D . 1.31 -1.51 -2.53
C4N NAD D . -0.59 1.69 -2.28
C5N NAD D . -1.41 2.46 -1.37
C6N NAD D . -1.68 1.90 -0.07
N1 UPG E . -4.01 -0.83 -14.67
C2 UPG E . -3.80 -1.00 -16.06
N3 UPG E . -2.92 -2.04 -16.36
C4 UPG E . -2.28 -2.90 -15.45
C5 UPG E . -2.55 -2.65 -14.05
C6 UPG E . -3.39 -1.64 -13.73
O2 UPG E . -4.31 -0.32 -16.96
O4 UPG E . -1.55 -3.79 -15.84
C1C UPG E . -4.90 0.28 -14.22
C2C UPG E . -6.07 -0.15 -13.33
O2C UPG E . -7.24 -0.60 -14.02
C3C UPG E . -6.25 1.16 -12.57
C4C UPG E . -4.87 1.77 -12.38
O4C UPG E . -4.09 1.18 -13.45
O3C UPG E . -7.09 2.05 -13.31
C5C UPG E . -4.19 1.46 -11.04
O5C UPG E . -4.31 0.05 -10.80
PA UPG E . -3.33 -0.75 -9.86
O1A UPG E . -3.75 -2.16 -9.93
O2A UPG E . -1.93 -0.31 -10.09
O3A UPG E . -3.73 -0.20 -8.42
PB UPG E . -5.03 -0.22 -7.49
O1B UPG E . -5.84 -1.41 -7.79
O2B UPG E . -5.66 1.11 -7.45
O3B UPG E . -4.38 -0.62 -6.07
C1' UPG E . -3.13 -0.28 -5.55
C2' UPG E . -2.92 -1.05 -4.25
C3' UPG E . -3.99 -0.64 -3.24
C4' UPG E . -3.88 0.87 -3.01
C5' UPG E . -4.06 1.59 -4.35
C6' UPG E . -4.08 3.09 -4.06
O2' UPG E . -3.01 -2.44 -4.56
O3' UPG E . -3.79 -1.34 -2.02
O4' UPG E . -4.90 1.29 -2.10
O5' UPG E . -3.06 1.13 -5.28
O6' UPG E . -5.40 3.63 -4.15
#